data_6SQ9
#
_entry.id   6SQ9
#
_cell.length_a   97.403
_cell.length_b   97.403
_cell.length_c   140.689
_cell.angle_alpha   90.000
_cell.angle_beta   90.000
_cell.angle_gamma   120.000
#
_symmetry.space_group_name_H-M   'P 62 2 2'
#
loop_
_entity.id
_entity.type
_entity.pdbx_description
1 polymer 'Enoyl-[acyl-carrier-protein] reductase [NADH]'
2 non-polymer NICOTINAMIDE-ADENINE-DINUCLEOTIDE
3 non-polymer '3-hydroxynaphthalene-2-carboxylic acid'
4 non-polymer '4-(2-HYDROXYETHYL)-1-PIPERAZINE ETHANESULFONIC ACID'
5 water water
#
_entity_poly.entity_id   1
_entity_poly.type   'polypeptide(L)'
_entity_poly.pdbx_seq_one_letter_code
;SMTGLLDGKRILVSGIITDSSIAFHIARVAQEQGAQLVLTGFDRLRLIQRITDRLPAKAPLLELDVQNEEHLASLAGRVT
EAIGAGNKLDGVVHSIGFMPQTGMGINPFFDAPYADVSKGIHISAYSYASMAKALLPIMNPGGSIVGMDFDPSRAMPAYN
WMTVAKSALESVNRFVAREAGKYGVRSNLVAAGPIRTLAMSAIVGGALGEEAGAQIQLLEEGWDQRAPIGWNMKDATPVA
KTVCALLSDWLPATTGDIIYADGGAHTQLL
;
_entity_poly.pdbx_strand_id   A
#
loop_
_chem_comp.id
_chem_comp.type
_chem_comp.name
_chem_comp.formula
BZJ non-polymer '3-hydroxynaphthalene-2-carboxylic acid' 'C11 H8 O3'
EPE non-polymer '4-(2-HYDROXYETHYL)-1-PIPERAZINE ETHANESULFONIC ACID' 'C8 H18 N2 O4 S'
NAD non-polymer NICOTINAMIDE-ADENINE-DINUCLEOTIDE 'C21 H27 N7 O14 P2'
#
# COMPACT_ATOMS: atom_id res chain seq x y z
N THR A 3 12.23 -21.27 8.95
CA THR A 3 13.18 -21.08 7.86
C THR A 3 12.80 -19.86 7.01
N GLY A 4 11.71 -19.98 6.26
CA GLY A 4 11.14 -18.82 5.62
C GLY A 4 10.48 -17.92 6.67
N LEU A 5 10.65 -16.60 6.48
CA LEU A 5 10.14 -15.63 7.44
C LEU A 5 8.64 -15.75 7.67
N LEU A 6 7.90 -16.16 6.64
CA LEU A 6 6.44 -16.18 6.68
C LEU A 6 5.89 -17.58 6.43
N ASP A 7 6.64 -18.61 6.83
CA ASP A 7 6.26 -19.99 6.56
C ASP A 7 4.87 -20.28 7.12
N GLY A 8 4.00 -20.83 6.26
CA GLY A 8 2.68 -21.24 6.67
C GLY A 8 1.66 -20.13 6.84
N LYS A 9 2.05 -18.86 6.70
CA LYS A 9 1.12 -17.77 6.91
C LYS A 9 0.26 -17.57 5.65
N ARG A 10 -1.02 -17.25 5.88
CA ARG A 10 -1.95 -16.95 4.79
C ARG A 10 -2.18 -15.44 4.76
N ILE A 11 -1.85 -14.82 3.62
CA ILE A 11 -1.77 -13.36 3.50
C ILE A 11 -2.49 -12.90 2.26
N LEU A 12 -3.38 -11.92 2.42
CA LEU A 12 -4.05 -11.26 1.29
C LEU A 12 -3.24 -10.04 0.86
N VAL A 13 -2.99 -9.89 -0.45
CA VAL A 13 -2.24 -8.76 -0.97
C VAL A 13 -3.08 -8.06 -2.03
N SER A 14 -3.44 -6.81 -1.77
CA SER A 14 -4.13 -5.95 -2.73
C SER A 14 -3.12 -5.11 -3.49
N GLY A 15 -3.56 -4.52 -4.59
CA GLY A 15 -2.81 -3.42 -5.20
C GLY A 15 -1.90 -3.74 -6.36
N ILE A 16 -1.90 -4.96 -6.88
CA ILE A 16 -1.09 -5.23 -8.07
C ILE A 16 -1.83 -4.71 -9.30
N ILE A 17 -1.13 -3.96 -10.16
CA ILE A 17 -1.68 -3.59 -11.46
C ILE A 17 -0.64 -3.79 -12.55
N THR A 18 0.64 -3.54 -12.24
CA THR A 18 1.72 -3.84 -13.19
C THR A 18 2.86 -4.55 -12.47
N ASP A 19 3.86 -4.99 -13.24
CA ASP A 19 5.01 -5.62 -12.58
C ASP A 19 5.91 -4.61 -11.87
N SER A 20 5.62 -3.31 -11.95
CA SER A 20 6.33 -2.33 -11.16
C SER A 20 5.53 -1.87 -9.95
N SER A 21 4.32 -2.39 -9.74
CA SER A 21 3.57 -2.10 -8.52
C SER A 21 4.37 -2.52 -7.29
N ILE A 22 4.32 -1.68 -6.25
CA ILE A 22 4.96 -2.06 -5.00
C ILE A 22 4.38 -3.39 -4.50
N ALA A 23 3.07 -3.58 -4.67
CA ALA A 23 2.44 -4.83 -4.23
C ALA A 23 2.92 -6.05 -5.02
N PHE A 24 3.40 -5.89 -6.26
CA PHE A 24 3.95 -7.04 -6.95
C PHE A 24 5.19 -7.55 -6.24
N HIS A 25 6.05 -6.62 -5.79
CA HIS A 25 7.28 -7.02 -5.10
C HIS A 25 6.99 -7.51 -3.69
N ILE A 26 5.99 -6.92 -3.02
CA ILE A 26 5.55 -7.45 -1.73
C ILE A 26 5.12 -8.91 -1.89
N ALA A 27 4.29 -9.19 -2.91
CA ALA A 27 3.82 -10.56 -3.14
C ALA A 27 4.98 -11.50 -3.46
N ARG A 28 5.92 -11.07 -4.31
CA ARG A 28 7.04 -11.93 -4.68
C ARG A 28 7.87 -12.29 -3.46
N VAL A 29 8.22 -11.29 -2.64
CA VAL A 29 9.06 -11.54 -1.47
C VAL A 29 8.33 -12.40 -0.45
N ALA A 30 7.04 -12.13 -0.22
CA ALA A 30 6.26 -12.95 0.71
C ALA A 30 6.24 -14.41 0.27
N GLN A 31 6.09 -14.67 -1.03
CA GLN A 31 6.11 -16.06 -1.49
C GLN A 31 7.49 -16.69 -1.35
N GLU A 32 8.56 -15.92 -1.63
CA GLU A 32 9.92 -16.39 -1.39
C GLU A 32 10.11 -16.83 0.05
N GLN A 33 9.39 -16.21 0.98
CA GLN A 33 9.52 -16.48 2.41
C GLN A 33 8.45 -17.44 2.93
N GLY A 34 7.77 -18.16 2.04
CA GLY A 34 6.91 -19.26 2.44
C GLY A 34 5.43 -18.94 2.61
N ALA A 35 5.01 -17.71 2.35
CA ALA A 35 3.61 -17.34 2.54
C ALA A 35 2.73 -17.90 1.42
N GLN A 36 1.49 -18.22 1.77
CA GLN A 36 0.47 -18.61 0.80
C GLN A 36 -0.46 -17.42 0.59
N LEU A 37 -0.57 -16.95 -0.65
CA LEU A 37 -1.22 -15.67 -0.91
C LEU A 37 -2.61 -15.83 -1.51
N VAL A 38 -3.45 -14.85 -1.22
CA VAL A 38 -4.66 -14.54 -1.98
C VAL A 38 -4.51 -13.11 -2.47
N LEU A 39 -4.71 -12.90 -3.78
CA LEU A 39 -4.55 -11.58 -4.35
C LEU A 39 -5.90 -10.94 -4.64
N THR A 40 -5.97 -9.61 -4.52
CA THR A 40 -7.13 -8.87 -4.97
C THR A 40 -6.72 -7.82 -5.99
N GLY A 41 -7.60 -7.60 -6.97
CA GLY A 41 -7.30 -6.68 -8.04
C GLY A 41 -8.51 -5.86 -8.42
N PHE A 42 -8.26 -4.69 -8.98
CA PHE A 42 -9.30 -3.72 -9.33
C PHE A 42 -9.47 -3.64 -10.83
N ASP A 43 -10.67 -3.98 -11.31
CA ASP A 43 -11.19 -3.66 -12.64
C ASP A 43 -10.60 -4.49 -13.78
N ARG A 44 -9.29 -4.47 -13.96
CA ARG A 44 -8.67 -5.13 -15.12
C ARG A 44 -8.12 -6.50 -14.70
N LEU A 45 -9.05 -7.42 -14.43
CA LEU A 45 -8.66 -8.70 -13.84
C LEU A 45 -7.91 -9.59 -14.81
N ARG A 46 -8.22 -9.51 -16.11
CA ARG A 46 -7.46 -10.30 -17.09
C ARG A 46 -6.01 -9.83 -17.14
N LEU A 47 -5.80 -8.52 -17.16
CA LEU A 47 -4.44 -7.97 -17.13
C LEU A 47 -3.71 -8.39 -15.87
N ILE A 48 -4.36 -8.26 -14.71
CA ILE A 48 -3.70 -8.54 -13.44
C ILE A 48 -3.33 -10.02 -13.36
N GLN A 49 -4.18 -10.89 -13.89
CA GLN A 49 -3.85 -12.34 -13.85
C GLN A 49 -2.61 -12.61 -14.70
N ARG A 50 -2.53 -11.98 -15.86
CA ARG A 50 -1.35 -12.18 -16.71
C ARG A 50 -0.09 -11.67 -16.01
N ILE A 51 -0.19 -10.53 -15.32
CA ILE A 51 0.93 -9.99 -14.56
C ILE A 51 1.33 -10.95 -13.43
N THR A 52 0.35 -11.40 -12.65
CA THR A 52 0.70 -12.23 -11.50
C THR A 52 1.07 -13.65 -11.88
N ASP A 53 0.87 -14.07 -13.14
CA ASP A 53 1.42 -15.34 -13.60
C ASP A 53 2.93 -15.39 -13.47
N ARG A 54 3.59 -14.24 -13.36
CA ARG A 54 5.04 -14.17 -13.23
C ARG A 54 5.51 -14.28 -11.78
N LEU A 55 4.60 -14.34 -10.80
CA LEU A 55 5.02 -14.56 -9.42
C LEU A 55 5.58 -15.97 -9.26
N PRO A 56 6.40 -16.20 -8.23
CA PRO A 56 7.01 -17.54 -8.08
C PRO A 56 6.00 -18.64 -7.81
N ALA A 57 4.79 -18.32 -7.36
CA ALA A 57 3.78 -19.34 -7.11
C ALA A 57 2.41 -18.83 -7.55
N LYS A 58 1.56 -19.76 -7.96
CA LYS A 58 0.19 -19.44 -8.31
C LYS A 58 -0.56 -18.94 -7.08
N ALA A 59 -1.50 -18.02 -7.30
CA ALA A 59 -2.32 -17.49 -6.20
C ALA A 59 -3.70 -17.17 -6.73
N PRO A 60 -4.76 -17.47 -5.99
CA PRO A 60 -6.10 -17.09 -6.44
C PRO A 60 -6.24 -15.57 -6.48
N LEU A 61 -6.97 -15.09 -7.48
CA LEU A 61 -7.18 -13.66 -7.67
C LEU A 61 -8.66 -13.37 -7.49
N LEU A 62 -8.98 -12.43 -6.59
CA LEU A 62 -10.34 -12.01 -6.33
C LEU A 62 -10.52 -10.56 -6.76
N GLU A 63 -11.70 -10.23 -7.27
CA GLU A 63 -11.99 -8.86 -7.65
C GLU A 63 -12.35 -8.03 -6.42
N LEU A 64 -11.79 -6.84 -6.32
CA LEU A 64 -12.11 -5.93 -5.22
C LEU A 64 -11.95 -4.48 -5.67
N ASP A 65 -13.08 -3.82 -5.88
CA ASP A 65 -13.16 -2.36 -6.01
C ASP A 65 -13.55 -1.82 -4.63
N VAL A 66 -12.63 -1.11 -3.97
CA VAL A 66 -12.92 -0.69 -2.60
C VAL A 66 -14.03 0.35 -2.49
N GLN A 67 -14.47 0.94 -3.61
CA GLN A 67 -15.63 1.82 -3.60
C GLN A 67 -16.93 1.06 -3.76
N ASN A 68 -16.88 -0.27 -3.94
CA ASN A 68 -18.05 -1.09 -4.18
C ASN A 68 -18.43 -1.81 -2.87
N GLU A 69 -19.54 -1.38 -2.26
CA GLU A 69 -19.92 -1.98 -0.98
C GLU A 69 -20.29 -3.45 -1.12
N GLU A 70 -20.75 -3.87 -2.31
CA GLU A 70 -21.08 -5.28 -2.52
C GLU A 70 -19.82 -6.13 -2.61
N HIS A 71 -18.76 -5.61 -3.24
CA HIS A 71 -17.47 -6.31 -3.23
C HIS A 71 -16.98 -6.49 -1.79
N LEU A 72 -17.10 -5.46 -0.96
CA LEU A 72 -16.58 -5.53 0.41
C LEU A 72 -17.45 -6.45 1.27
N ALA A 73 -18.77 -6.44 1.04
CA ALA A 73 -19.66 -7.28 1.82
C ALA A 73 -19.45 -8.76 1.55
N SER A 74 -19.03 -9.11 0.33
CA SER A 74 -18.80 -10.51 -0.03
C SER A 74 -17.35 -10.97 0.16
N LEU A 75 -16.44 -10.04 0.46
CA LEU A 75 -15.02 -10.34 0.36
C LEU A 75 -14.60 -11.46 1.30
N ALA A 76 -15.01 -11.39 2.58
CA ALA A 76 -14.58 -12.40 3.54
C ALA A 76 -15.01 -13.80 3.11
N GLY A 77 -16.23 -13.95 2.60
CA GLY A 77 -16.68 -15.26 2.18
C GLY A 77 -15.92 -15.78 0.96
N ARG A 78 -15.55 -14.88 0.05
CA ARG A 78 -14.79 -15.30 -1.12
C ARG A 78 -13.36 -15.69 -0.74
N VAL A 79 -12.77 -14.99 0.24
CA VAL A 79 -11.46 -15.38 0.75
C VAL A 79 -11.53 -16.75 1.42
N THR A 80 -12.54 -16.96 2.26
CA THR A 80 -12.69 -18.25 2.94
C THR A 80 -12.85 -19.39 1.94
N GLU A 81 -13.62 -19.15 0.88
CA GLU A 81 -13.72 -20.15 -0.19
C GLU A 81 -12.36 -20.41 -0.82
N ALA A 82 -11.53 -19.37 -0.96
CA ALA A 82 -10.26 -19.55 -1.65
C ALA A 82 -9.24 -20.28 -0.79
N ILE A 83 -9.25 -20.04 0.53
CA ILE A 83 -8.25 -20.67 1.40
C ILE A 83 -8.79 -21.89 2.13
N GLY A 84 -10.08 -22.18 2.02
CA GLY A 84 -10.67 -23.36 2.64
C GLY A 84 -11.36 -23.06 3.96
N ALA A 85 -12.56 -23.61 4.14
CA ALA A 85 -13.28 -23.41 5.38
C ALA A 85 -12.45 -23.90 6.57
N GLY A 86 -12.58 -23.18 7.69
CA GLY A 86 -11.78 -23.47 8.85
C GLY A 86 -10.41 -22.83 8.86
N ASN A 87 -10.00 -22.21 7.76
CA ASN A 87 -8.75 -21.47 7.70
C ASN A 87 -9.04 -19.98 7.73
N LYS A 88 -8.13 -19.23 8.35
CA LYS A 88 -8.23 -17.77 8.43
C LYS A 88 -6.94 -17.16 7.93
N LEU A 89 -6.99 -15.85 7.71
CA LEU A 89 -5.83 -15.08 7.28
C LEU A 89 -4.92 -14.72 8.45
N ASP A 90 -3.61 -14.68 8.18
CA ASP A 90 -2.64 -14.16 9.12
C ASP A 90 -2.17 -12.75 8.78
N GLY A 91 -2.39 -12.31 7.55
CA GLY A 91 -1.88 -11.02 7.11
C GLY A 91 -2.77 -10.43 6.03
N VAL A 92 -2.77 -9.09 5.98
CA VAL A 92 -3.50 -8.31 4.99
C VAL A 92 -2.61 -7.15 4.58
N VAL A 93 -2.42 -6.96 3.27
CA VAL A 93 -1.62 -5.85 2.74
C VAL A 93 -2.53 -4.95 1.93
N HIS A 94 -2.62 -3.69 2.35
CA HIS A 94 -3.31 -2.62 1.62
C HIS A 94 -2.26 -1.85 0.84
N SER A 95 -2.31 -1.94 -0.50
CA SER A 95 -1.37 -1.22 -1.36
C SER A 95 -2.16 -0.50 -2.46
N ILE A 96 -3.06 0.37 -2.02
CA ILE A 96 -4.08 0.96 -2.88
C ILE A 96 -4.05 2.47 -2.72
N GLY A 97 -4.01 3.19 -3.83
CA GLY A 97 -4.01 4.63 -3.77
C GLY A 97 -4.42 5.24 -5.10
N PHE A 98 -5.15 6.34 -5.06
CA PHE A 98 -5.53 7.03 -6.28
C PHE A 98 -6.01 8.43 -5.93
N MET A 99 -5.65 9.41 -6.75
CA MET A 99 -6.20 10.74 -6.61
C MET A 99 -6.43 11.29 -8.01
N PRO A 100 -7.65 11.69 -8.36
CA PRO A 100 -7.89 12.23 -9.71
C PRO A 100 -6.93 13.37 -10.05
N GLN A 101 -6.67 13.53 -11.35
CA GLN A 101 -5.57 14.37 -11.80
C GLN A 101 -5.68 15.81 -11.30
N THR A 102 -6.91 16.32 -11.14
CA THR A 102 -7.10 17.70 -10.72
C THR A 102 -6.48 18.00 -9.36
N GLY A 103 -6.15 16.97 -8.58
CA GLY A 103 -5.57 17.14 -7.27
C GLY A 103 -4.09 16.89 -7.15
N MET A 104 -3.39 16.54 -8.24
CA MET A 104 -2.01 16.10 -8.13
C MET A 104 -1.04 16.97 -8.92
N GLY A 105 -1.42 18.20 -9.25
CA GLY A 105 -0.48 19.17 -9.80
C GLY A 105 -0.71 19.56 -11.24
N ILE A 106 -1.57 18.83 -11.95
CA ILE A 106 -1.92 19.21 -13.34
C ILE A 106 -2.59 20.59 -13.24
N ASN A 107 -3.21 20.87 -12.10
CA ASN A 107 -3.70 22.24 -11.84
C ASN A 107 -3.34 22.69 -10.42
N PRO A 108 -3.49 23.98 -10.16
CA PRO A 108 -3.27 24.50 -8.87
C PRO A 108 -4.19 23.78 -7.87
N PHE A 109 -3.66 23.49 -6.66
CA PHE A 109 -4.30 22.89 -5.46
C PHE A 109 -5.75 23.36 -5.27
N PHE A 110 -5.96 24.66 -5.39
CA PHE A 110 -7.27 25.32 -5.28
C PHE A 110 -8.24 24.90 -6.39
N ASP A 111 -7.78 24.36 -7.50
CA ASP A 111 -8.70 24.03 -8.59
C ASP A 111 -9.30 22.63 -8.50
N ALA A 112 -8.88 21.82 -7.54
CA ALA A 112 -9.45 20.48 -7.42
C ALA A 112 -10.87 20.55 -6.88
N PRO A 113 -11.88 20.06 -7.61
CA PRO A 113 -13.24 20.02 -7.07
C PRO A 113 -13.35 18.99 -5.97
N TYR A 114 -14.26 19.22 -5.01
CA TYR A 114 -14.32 18.29 -3.88
C TYR A 114 -14.72 16.88 -4.32
N ALA A 115 -15.53 16.77 -5.38
CA ALA A 115 -15.86 15.44 -5.90
C ALA A 115 -14.61 14.62 -6.18
N ASP A 116 -13.58 15.28 -6.73
CA ASP A 116 -12.32 14.59 -7.03
C ASP A 116 -11.56 14.24 -5.75
N VAL A 117 -11.46 15.19 -4.82
CA VAL A 117 -10.76 14.94 -3.56
C VAL A 117 -11.44 13.82 -2.79
N SER A 118 -12.78 13.85 -2.73
CA SER A 118 -13.48 12.85 -1.92
C SER A 118 -13.31 11.46 -2.52
N LYS A 119 -13.27 11.34 -3.85
CA LYS A 119 -12.97 10.06 -4.47
C LYS A 119 -11.58 9.57 -4.07
N GLY A 120 -10.59 10.46 -4.10
CA GLY A 120 -9.24 10.07 -3.75
C GLY A 120 -9.11 9.67 -2.29
N ILE A 121 -9.82 10.38 -1.40
CA ILE A 121 -9.75 10.03 0.02
C ILE A 121 -10.50 8.72 0.28
N HIS A 122 -11.58 8.47 -0.47
CA HIS A 122 -12.27 7.20 -0.38
C HIS A 122 -11.33 6.05 -0.70
N ILE A 123 -10.65 6.13 -1.84
CA ILE A 123 -9.82 5.02 -2.29
C ILE A 123 -8.54 4.92 -1.45
N SER A 124 -7.96 6.06 -1.08
CA SER A 124 -6.62 6.04 -0.49
C SER A 124 -6.60 5.98 1.03
N ALA A 125 -7.70 6.33 1.72
CA ALA A 125 -7.67 6.39 3.18
C ALA A 125 -8.84 5.64 3.82
N TYR A 126 -10.07 5.96 3.43
CA TYR A 126 -11.23 5.30 4.03
C TYR A 126 -11.17 3.79 3.78
N SER A 127 -10.69 3.39 2.60
CA SER A 127 -10.65 1.96 2.26
C SER A 127 -9.75 1.15 3.18
N TYR A 128 -8.80 1.78 3.89
CA TYR A 128 -8.02 1.03 4.86
C TYR A 128 -8.91 0.55 6.01
N ALA A 129 -9.80 1.41 6.50
CA ALA A 129 -10.80 0.97 7.48
C ALA A 129 -11.78 -0.02 6.86
N SER A 130 -12.14 0.20 5.58
CA SER A 130 -13.09 -0.70 4.91
C SER A 130 -12.54 -2.12 4.84
N MET A 131 -11.26 -2.27 4.48
CA MET A 131 -10.69 -3.61 4.35
C MET A 131 -10.53 -4.27 5.72
N ALA A 132 -10.14 -3.49 6.73
CA ALA A 132 -10.04 -4.03 8.08
C ALA A 132 -11.39 -4.51 8.58
N LYS A 133 -12.45 -3.74 8.33
CA LYS A 133 -13.78 -4.16 8.77
C LYS A 133 -14.20 -5.46 8.10
N ALA A 134 -13.88 -5.62 6.81
CA ALA A 134 -14.28 -6.83 6.10
C ALA A 134 -13.47 -8.04 6.54
N LEU A 135 -12.18 -7.86 6.85
CA LEU A 135 -11.28 -9.00 6.97
C LEU A 135 -10.93 -9.38 8.41
N LEU A 136 -11.03 -8.47 9.36
CA LEU A 136 -10.74 -8.82 10.75
C LEU A 136 -11.57 -10.03 11.23
N PRO A 137 -12.84 -10.19 10.86
CA PRO A 137 -13.58 -11.40 11.29
C PRO A 137 -12.99 -12.70 10.80
N ILE A 138 -12.12 -12.68 9.79
CA ILE A 138 -11.48 -13.92 9.32
C ILE A 138 -9.97 -13.83 9.46
N MET A 139 -9.48 -13.14 10.49
CA MET A 139 -8.04 -13.08 10.80
C MET A 139 -7.74 -13.78 12.12
N ASN A 140 -6.60 -14.48 12.16
CA ASN A 140 -6.12 -15.18 13.35
C ASN A 140 -5.49 -14.21 14.35
N PRO A 141 -5.56 -14.53 15.65
CA PRO A 141 -4.76 -13.79 16.63
C PRO A 141 -3.28 -13.84 16.26
N GLY A 142 -2.56 -12.77 16.55
CA GLY A 142 -1.20 -12.62 16.09
C GLY A 142 -1.06 -12.15 14.66
N GLY A 143 -2.19 -11.84 13.99
CA GLY A 143 -2.15 -11.38 12.62
C GLY A 143 -1.68 -9.94 12.47
N SER A 144 -1.59 -9.50 11.22
CA SER A 144 -0.96 -8.23 10.91
C SER A 144 -1.63 -7.61 9.69
N ILE A 145 -2.02 -6.34 9.79
CA ILE A 145 -2.49 -5.54 8.67
C ILE A 145 -1.44 -4.46 8.37
N VAL A 146 -1.03 -4.33 7.10
CA VAL A 146 -0.02 -3.35 6.71
C VAL A 146 -0.54 -2.55 5.53
N GLY A 147 -0.35 -1.22 5.58
CA GLY A 147 -0.72 -0.34 4.48
C GLY A 147 0.46 0.48 4.01
N MET A 148 0.41 1.01 2.78
CA MET A 148 1.51 1.80 2.24
C MET A 148 1.24 3.30 2.42
N ASP A 149 2.30 4.04 2.76
CA ASP A 149 2.24 5.45 3.14
C ASP A 149 3.35 6.19 2.41
N PHE A 150 3.19 7.51 2.24
CA PHE A 150 4.26 8.41 1.81
C PHE A 150 4.22 9.60 2.76
N ASP A 151 5.30 9.78 3.54
CA ASP A 151 5.36 10.71 4.67
C ASP A 151 4.72 12.05 4.31
N PRO A 152 3.57 12.39 4.91
CA PRO A 152 2.87 13.64 4.58
C PRO A 152 3.03 14.73 5.62
N SER A 153 4.02 14.60 6.51
CA SER A 153 4.12 15.53 7.64
C SER A 153 4.50 16.94 7.21
N ARG A 154 5.05 17.09 6.00
CA ARG A 154 5.36 18.40 5.42
CA ARG A 154 5.35 18.40 5.43
C ARG A 154 4.73 18.47 4.02
N ALA A 155 4.33 19.67 3.63
CA ALA A 155 3.81 19.83 2.27
C ALA A 155 4.93 19.75 1.25
N MET A 156 4.61 19.22 0.08
CA MET A 156 5.55 19.04 -1.03
C MET A 156 5.01 19.72 -2.28
N PRO A 157 5.88 20.05 -3.23
CA PRO A 157 5.44 20.83 -4.40
C PRO A 157 4.22 20.25 -5.12
N ALA A 158 4.24 18.96 -5.40
CA ALA A 158 3.18 18.34 -6.18
C ALA A 158 2.54 17.27 -5.33
N TYR A 159 1.62 16.53 -5.94
CA TYR A 159 0.86 15.43 -5.31
C TYR A 159 0.04 15.98 -4.13
N ASN A 160 -0.12 17.29 -4.03
CA ASN A 160 -0.88 18.02 -2.99
C ASN A 160 -2.05 17.26 -2.36
N TRP A 161 -3.16 17.06 -3.06
CA TRP A 161 -4.30 16.38 -2.42
C TRP A 161 -3.98 14.91 -2.07
N MET A 162 -3.09 14.27 -2.84
CA MET A 162 -2.69 12.93 -2.44
C MET A 162 -1.99 12.95 -1.08
N THR A 163 -1.22 14.01 -0.79
CA THR A 163 -0.57 14.13 0.52
C THR A 163 -1.61 14.32 1.62
N VAL A 164 -2.65 15.13 1.37
CA VAL A 164 -3.75 15.25 2.34
C VAL A 164 -4.38 13.90 2.60
N ALA A 165 -4.56 13.10 1.56
CA ALA A 165 -5.13 11.76 1.73
C ALA A 165 -4.22 10.86 2.56
N LYS A 166 -2.90 10.99 2.40
CA LYS A 166 -2.00 10.21 3.26
C LYS A 166 -2.04 10.69 4.71
N SER A 167 -2.17 12.00 4.94
CA SER A 167 -2.38 12.47 6.31
C SER A 167 -3.62 11.81 6.92
N ALA A 168 -4.70 11.69 6.14
CA ALA A 168 -5.90 11.03 6.66
C ALA A 168 -5.65 9.55 6.92
N LEU A 169 -4.91 8.89 6.02
CA LEU A 169 -4.62 7.47 6.18
C LEU A 169 -3.84 7.18 7.47
N GLU A 170 -2.85 8.02 7.79
CA GLU A 170 -2.10 7.80 9.02
C GLU A 170 -3.02 7.88 10.24
N SER A 171 -3.97 8.81 10.20
CA SER A 171 -4.96 8.91 11.29
C SER A 171 -5.86 7.68 11.31
N VAL A 172 -6.34 7.25 10.14
CA VAL A 172 -7.18 6.04 10.06
C VAL A 172 -6.47 4.84 10.64
N ASN A 173 -5.17 4.71 10.35
CA ASN A 173 -4.38 3.57 10.84
C ASN A 173 -4.41 3.49 12.36
N ARG A 174 -4.31 4.64 13.03
CA ARG A 174 -4.31 4.61 14.50
C ARG A 174 -5.65 4.14 15.05
N PHE A 175 -6.74 4.42 14.34
CA PHE A 175 -8.04 3.93 14.81
C PHE A 175 -8.23 2.47 14.44
N VAL A 176 -7.77 2.06 13.27
CA VAL A 176 -7.84 0.63 12.92
C VAL A 176 -7.06 -0.21 13.93
N ALA A 177 -5.93 0.31 14.43
CA ALA A 177 -5.18 -0.43 15.44
C ALA A 177 -6.01 -0.68 16.69
N ARG A 178 -6.81 0.32 17.10
CA ARG A 178 -7.70 0.12 18.24
C ARG A 178 -8.65 -1.05 18.02
N GLU A 179 -9.28 -1.09 16.84
CA GLU A 179 -10.23 -2.15 16.55
C GLU A 179 -9.53 -3.49 16.38
N ALA A 180 -8.40 -3.51 15.66
CA ALA A 180 -7.70 -4.76 15.39
C ALA A 180 -7.17 -5.40 16.67
N GLY A 181 -6.81 -4.58 17.67
CA GLY A 181 -6.26 -5.12 18.91
C GLY A 181 -7.21 -6.07 19.62
N LYS A 182 -8.52 -5.86 19.46
CA LYS A 182 -9.51 -6.75 20.06
C LYS A 182 -9.45 -8.17 19.49
N TYR A 183 -8.90 -8.31 18.28
CA TYR A 183 -8.67 -9.59 17.61
C TYR A 183 -7.25 -10.10 17.79
N GLY A 184 -6.41 -9.41 18.55
CA GLY A 184 -5.02 -9.79 18.64
C GLY A 184 -4.24 -9.48 17.38
N VAL A 185 -4.69 -8.50 16.61
CA VAL A 185 -4.09 -8.16 15.31
C VAL A 185 -3.45 -6.78 15.39
N ARG A 186 -2.28 -6.63 14.72
CA ARG A 186 -1.58 -5.36 14.63
C ARG A 186 -1.94 -4.65 13.34
N SER A 187 -1.83 -3.32 13.35
CA SER A 187 -2.06 -2.51 12.15
C SER A 187 -0.96 -1.46 12.05
N ASN A 188 -0.26 -1.40 10.90
CA ASN A 188 0.83 -0.44 10.77
C ASN A 188 0.93 -0.01 9.30
N LEU A 189 1.60 1.12 9.08
CA LEU A 189 1.92 1.58 7.73
C LEU A 189 3.42 1.53 7.50
N VAL A 190 3.80 1.31 6.23
CA VAL A 190 5.18 1.49 5.78
C VAL A 190 5.22 2.75 4.93
N ALA A 191 6.00 3.74 5.37
CA ALA A 191 6.21 4.98 4.63
C ALA A 191 7.43 4.77 3.77
N ALA A 192 7.21 4.62 2.46
CA ALA A 192 8.27 4.37 1.50
C ALA A 192 8.75 5.67 0.89
N GLY A 193 10.02 5.69 0.49
CA GLY A 193 10.51 6.72 -0.40
C GLY A 193 9.95 6.55 -1.80
N PRO A 194 10.30 7.47 -2.69
CA PRO A 194 9.73 7.43 -4.04
C PRO A 194 10.19 6.21 -4.82
N ILE A 195 9.24 5.58 -5.51
CA ILE A 195 9.48 4.37 -6.30
C ILE A 195 8.98 4.61 -7.72
N ARG A 196 9.81 4.28 -8.71
CA ARG A 196 9.49 4.54 -10.11
C ARG A 196 8.55 3.45 -10.65
N THR A 197 7.30 3.55 -10.25
CA THR A 197 6.22 2.83 -10.88
C THR A 197 5.93 3.44 -12.25
N LEU A 198 5.06 2.77 -13.01
CA LEU A 198 4.69 3.28 -14.32
C LEU A 198 4.04 4.66 -14.21
N ALA A 199 3.17 4.86 -13.23
CA ALA A 199 2.53 6.16 -13.04
C ALA A 199 3.56 7.22 -12.66
N MET A 200 4.52 6.84 -11.81
CA MET A 200 5.55 7.80 -11.38
C MET A 200 6.41 8.25 -12.55
N SER A 201 6.87 7.30 -13.37
CA SER A 201 7.70 7.66 -14.52
C SER A 201 6.93 8.53 -15.50
N ALA A 202 5.63 8.25 -15.68
CA ALA A 202 4.83 9.07 -16.57
C ALA A 202 4.75 10.52 -16.08
N ILE A 203 4.61 10.71 -14.76
CA ILE A 203 4.52 12.07 -14.22
C ILE A 203 5.84 12.81 -14.40
N VAL A 204 6.97 12.14 -14.11
CA VAL A 204 8.27 12.76 -14.35
C VAL A 204 8.45 13.08 -15.83
N GLY A 205 7.91 12.23 -16.70
CA GLY A 205 7.93 12.51 -18.11
C GLY A 205 7.03 13.65 -18.56
N GLY A 206 6.27 14.24 -17.65
CA GLY A 206 5.43 15.37 -17.99
C GLY A 206 3.96 15.06 -18.20
N ALA A 207 3.46 13.93 -17.70
CA ALA A 207 2.06 13.56 -17.93
C ALA A 207 1.10 14.58 -17.32
N LEU A 208 1.46 15.17 -16.19
CA LEU A 208 0.62 16.14 -15.50
C LEU A 208 1.14 17.57 -15.65
N GLY A 209 1.90 17.83 -16.70
CA GLY A 209 2.45 19.15 -16.92
C GLY A 209 3.94 19.18 -16.63
N GLU A 210 4.64 20.12 -17.30
CA GLU A 210 6.09 20.22 -17.15
C GLU A 210 6.47 20.68 -15.74
N GLU A 211 5.70 21.59 -15.16
CA GLU A 211 6.03 22.09 -13.83
C GLU A 211 5.97 20.98 -12.79
N ALA A 212 4.90 20.18 -12.81
CA ALA A 212 4.79 19.06 -11.88
C ALA A 212 5.92 18.06 -12.10
N GLY A 213 6.25 17.78 -13.36
CA GLY A 213 7.34 16.85 -13.64
C GLY A 213 8.67 17.30 -13.05
N ALA A 214 8.99 18.58 -13.21
CA ALA A 214 10.28 19.09 -12.75
C ALA A 214 10.37 19.08 -11.23
N GLN A 215 9.26 19.41 -10.56
CA GLN A 215 9.26 19.42 -9.10
C GLN A 215 9.44 18.01 -8.54
N ILE A 216 8.78 17.02 -9.14
CA ILE A 216 8.91 15.67 -8.64
C ILE A 216 10.30 15.11 -8.92
N GLN A 217 10.90 15.47 -10.06
CA GLN A 217 12.26 15.02 -10.31
C GLN A 217 13.24 15.57 -9.26
N LEU A 218 13.10 16.85 -8.91
CA LEU A 218 13.99 17.42 -7.89
C LEU A 218 13.69 16.80 -6.52
N LEU A 219 12.43 16.50 -6.24
CA LEU A 219 12.07 15.80 -5.00
C LEU A 219 12.79 14.45 -4.91
N GLU A 220 12.76 13.66 -5.99
CA GLU A 220 13.43 12.36 -6.00
C GLU A 220 14.93 12.50 -5.75
N GLU A 221 15.56 13.50 -6.37
CA GLU A 221 17.00 13.60 -6.31
C GLU A 221 17.47 13.93 -4.88
N GLY A 222 16.75 14.82 -4.20
CA GLY A 222 17.13 15.15 -2.83
C GLY A 222 17.02 13.96 -1.89
N TRP A 223 16.14 13.01 -2.20
CA TRP A 223 15.94 11.85 -1.35
C TRP A 223 17.21 11.00 -1.24
N ASP A 224 17.79 10.64 -2.38
CA ASP A 224 19.02 9.87 -2.34
C ASP A 224 20.14 10.68 -1.71
N GLN A 225 20.13 12.01 -1.89
CA GLN A 225 21.17 12.84 -1.31
C GLN A 225 21.07 12.88 0.22
N ARG A 226 19.85 12.90 0.75
CA ARG A 226 19.60 12.97 2.20
C ARG A 226 19.82 11.63 2.89
N ALA A 227 19.44 10.54 2.23
CA ALA A 227 19.43 9.21 2.85
C ALA A 227 20.84 8.78 3.26
N PRO A 228 21.10 8.54 4.55
CA PRO A 228 22.46 8.13 4.94
C PRO A 228 22.92 6.83 4.31
N ILE A 229 22.02 5.93 3.94
CA ILE A 229 22.38 4.70 3.23
C ILE A 229 21.99 4.76 1.76
N GLY A 230 21.63 5.93 1.25
CA GLY A 230 21.17 6.05 -0.12
C GLY A 230 19.74 5.57 -0.31
N TRP A 231 19.21 5.88 -1.48
CA TRP A 231 17.85 5.51 -1.86
C TRP A 231 17.82 5.23 -3.36
N ASN A 232 17.37 4.03 -3.73
CA ASN A 232 17.29 3.62 -5.13
C ASN A 232 15.82 3.57 -5.53
N MET A 233 15.34 4.62 -6.20
CA MET A 233 13.95 4.66 -6.62
C MET A 233 13.58 3.57 -7.63
N LYS A 234 14.57 2.89 -8.22
CA LYS A 234 14.27 1.84 -9.18
C LYS A 234 14.15 0.47 -8.53
N ASP A 235 14.29 0.37 -7.21
CA ASP A 235 14.36 -0.92 -6.52
C ASP A 235 13.33 -0.96 -5.39
N ALA A 236 12.21 -1.64 -5.62
CA ALA A 236 11.19 -1.74 -4.58
C ALA A 236 11.46 -2.85 -3.57
N THR A 237 12.48 -3.68 -3.77
CA THR A 237 12.69 -4.81 -2.86
C THR A 237 12.90 -4.39 -1.40
N PRO A 238 13.66 -3.33 -1.07
CA PRO A 238 13.79 -2.95 0.35
C PRO A 238 12.46 -2.60 0.99
N VAL A 239 11.53 -2.03 0.21
CA VAL A 239 10.21 -1.72 0.73
C VAL A 239 9.43 -3.00 0.97
N ALA A 240 9.48 -3.93 0.02
CA ALA A 240 8.79 -5.20 0.15
C ALA A 240 9.29 -5.98 1.37
N LYS A 241 10.61 -5.98 1.60
CA LYS A 241 11.15 -6.68 2.76
C LYS A 241 10.63 -6.08 4.07
N THR A 242 10.52 -4.75 4.13
CA THR A 242 10.01 -4.09 5.34
C THR A 242 8.55 -4.47 5.59
N VAL A 243 7.73 -4.54 4.54
CA VAL A 243 6.35 -4.99 4.71
C VAL A 243 6.32 -6.41 5.26
N CYS A 244 7.18 -7.28 4.71
CA CYS A 244 7.25 -8.65 5.20
C CYS A 244 7.70 -8.70 6.66
N ALA A 245 8.61 -7.80 7.06
CA ALA A 245 9.01 -7.72 8.47
C ALA A 245 7.80 -7.46 9.36
N LEU A 246 6.93 -6.53 8.96
CA LEU A 246 5.73 -6.24 9.75
C LEU A 246 4.71 -7.35 9.70
N LEU A 247 4.66 -8.13 8.61
CA LEU A 247 3.78 -9.28 8.54
C LEU A 247 4.28 -10.43 9.39
N SER A 248 5.56 -10.45 9.73
CA SER A 248 6.15 -11.55 10.48
C SER A 248 5.82 -11.42 11.95
N ASP A 249 6.36 -12.33 12.76
CA ASP A 249 6.21 -12.25 14.21
C ASP A 249 7.31 -11.45 14.89
N TRP A 250 8.15 -10.73 14.13
CA TRP A 250 9.35 -10.14 14.71
C TRP A 250 9.20 -8.69 15.12
N LEU A 251 8.03 -8.07 14.90
CA LEU A 251 7.70 -6.75 15.46
C LEU A 251 6.41 -6.87 16.27
N PRO A 252 6.39 -7.69 17.32
CA PRO A 252 5.11 -8.08 17.92
C PRO A 252 4.50 -7.04 18.86
N ALA A 253 5.21 -5.96 19.18
CA ALA A 253 4.71 -4.95 20.11
C ALA A 253 4.55 -3.60 19.43
N THR A 254 4.48 -3.60 18.09
CA THR A 254 4.30 -2.39 17.29
C THR A 254 2.92 -2.37 16.64
N THR A 255 2.14 -1.33 16.93
CA THR A 255 0.83 -1.20 16.28
C THR A 255 0.39 0.26 16.32
N GLY A 256 -0.51 0.60 15.39
CA GLY A 256 -0.91 1.97 15.18
C GLY A 256 0.20 2.87 14.66
N ASP A 257 1.25 2.28 14.10
CA ASP A 257 2.52 2.98 13.93
C ASP A 257 2.91 3.08 12.47
N ILE A 258 4.03 3.74 12.24
CA ILE A 258 4.58 3.98 10.90
C ILE A 258 6.05 3.58 10.92
N ILE A 259 6.43 2.68 10.01
CA ILE A 259 7.82 2.29 9.81
C ILE A 259 8.29 2.94 8.53
N TYR A 260 9.45 3.63 8.59
CA TYR A 260 9.96 4.37 7.42
C TYR A 260 10.96 3.52 6.66
N ALA A 261 10.63 3.17 5.43
CA ALA A 261 11.53 2.47 4.51
C ALA A 261 11.89 3.46 3.42
N ASP A 262 12.75 4.41 3.79
CA ASP A 262 13.03 5.59 2.96
C ASP A 262 14.52 5.91 2.92
N GLY A 263 15.38 4.96 3.31
CA GLY A 263 16.81 5.19 3.37
C GLY A 263 17.24 6.08 4.51
N GLY A 264 16.36 6.37 5.45
CA GLY A 264 16.64 7.35 6.49
C GLY A 264 16.46 8.79 6.06
N ALA A 265 15.93 9.04 4.85
CA ALA A 265 15.87 10.42 4.35
C ALA A 265 15.08 11.35 5.28
N HIS A 266 14.01 10.86 5.90
CA HIS A 266 13.18 11.75 6.72
C HIS A 266 13.84 12.15 8.03
N THR A 267 14.97 11.56 8.38
CA THR A 267 15.70 11.88 9.60
C THR A 267 16.78 12.93 9.39
N GLN A 268 16.91 13.46 8.16
CA GLN A 268 18.03 14.32 7.82
C GLN A 268 17.53 15.59 7.14
N LEU A 269 18.18 16.71 7.44
CA LEU A 269 17.88 17.98 6.79
C LEU A 269 19.12 18.35 5.98
N LEU A 270 19.00 18.26 4.66
CA LEU A 270 20.07 18.35 3.68
C LEU A 270 20.93 17.09 3.62
PA NAD B . 0.29 1.36 -8.49
O1A NAD B . -0.42 2.21 -9.50
O2A NAD B . 1.12 0.21 -9.05
O5B NAD B . -0.82 0.73 -7.35
C5B NAD B . -2.01 1.39 -7.11
C4B NAD B . -2.95 0.45 -6.92
O4B NAD B . -4.28 1.06 -6.39
C3B NAD B . -3.38 -0.22 -8.32
O3B NAD B . -3.28 -1.71 -8.19
C2B NAD B . -4.57 0.15 -8.49
O2B NAD B . -5.43 -0.86 -9.19
C1B NAD B . -5.17 0.29 -6.91
N9A NAD B . -6.49 0.87 -6.95
C8A NAD B . -6.84 2.04 -7.52
N7A NAD B . -8.17 2.23 -7.35
C5A NAD B . -8.70 1.15 -6.69
C6A NAD B . -9.99 0.76 -6.26
N6A NAD B . -11.17 1.63 -6.49
N1A NAD B . -10.14 -0.40 -5.60
C2A NAD B . -9.10 -1.19 -5.39
N3A NAD B . -7.85 -0.86 -5.80
C4A NAD B . -7.63 0.31 -6.44
O3 NAD B . 1.30 2.38 -7.67
PN NAD B . 2.05 2.03 -6.26
O1N NAD B . 2.55 0.61 -6.15
O2N NAD B . 3.15 3.04 -6.13
O5D NAD B . 0.92 2.32 -5.09
C5D NAD B . 0.66 1.39 -4.03
C4D NAD B . 0.47 2.25 -2.76
O4D NAD B . 1.95 2.71 -2.26
C3D NAD B . -0.23 3.35 -2.90
O3D NAD B . -0.97 3.55 -1.62
C2D NAD B . 0.80 4.48 -3.00
O2D NAD B . 0.29 5.73 -2.63
C1D NAD B . 1.86 3.96 -2.00
N1N NAD B . 3.19 4.58 -2.18
C2N NAD B . 3.72 4.73 -3.43
C3N NAD B . 4.97 5.29 -3.55
C7N NAD B . 5.60 5.49 -4.91
O7N NAD B . 5.31 4.84 -5.83
N7N NAD B . 6.56 6.50 -4.97
C4N NAD B . 5.69 5.69 -2.42
C5N NAD B . 5.11 5.51 -1.14
C6N NAD B . 3.86 4.94 -1.09
C10 BZJ C . 1.88 8.68 -2.83
O1 BZJ C . 1.92 7.59 -3.46
O BZJ C . 0.97 8.93 -1.98
C6 BZJ C . 2.93 9.75 -3.10
C7 BZJ C . 4.00 9.48 -3.93
C8 BZJ C . 4.96 10.48 -4.18
C3 BZJ C . 4.83 11.71 -3.58
C4 BZJ C . 3.74 11.98 -2.73
C5 BZJ C . 2.78 11.00 -2.49
O2 BZJ C . 1.70 11.24 -1.65
C2 BZJ C . 5.79 12.71 -3.83
C1 BZJ C . 6.86 12.44 -4.67
C BZJ C . 7.00 11.19 -5.27
C9 BZJ C . 6.05 10.21 -5.03
N1 EPE D . -14.68 -6.92 -14.65
C2 EPE D . -14.89 -5.47 -14.80
C3 EPE D . -15.32 -4.85 -13.48
N4 EPE D . -16.49 -5.51 -12.93
C5 EPE D . -16.56 -6.96 -12.99
C6 EPE D . -15.95 -7.57 -14.26
C7 EPE D . -17.26 -4.80 -11.92
C8 EPE D . -18.64 -5.41 -11.67
O8 EPE D . -18.70 -5.99 -10.39
C9 EPE D . -14.24 -7.48 -15.93
C10 EPE D . -12.95 -6.81 -16.40
S EPE D . -11.86 -7.83 -17.44
O1S EPE D . -12.65 -8.82 -18.17
O2S EPE D . -10.88 -8.50 -16.60
O3S EPE D . -11.16 -6.96 -18.39
#